data_2DQR
#
_entry.id   2DQR
#
_cell.length_a   40.922
_cell.length_b   72.805
_cell.length_c   195.008
_cell.angle_alpha   90.00
_cell.angle_beta   90.00
_cell.angle_gamma   90.00
#
_symmetry.space_group_name_H-M   'P 21 21 21'
#
loop_
_entity.id
_entity.type
_entity.pdbx_description
1 polymer 'Replication termination protein'
2 water water
#
_entity_poly.entity_id   1
_entity_poly.type   'polypeptide(L)'
_entity_poly.pdbx_seq_one_letter_code
;MKEEKRSSTGFLVKQRAFLKLYMITMTEQERLYGLKLLKVLQSEFKEIGFKPNHTEVYRSLHELLDDGILKQIKVKKEGA
KLQEVVLYQFKDYEAAKLYKKQLKVELDRCKKLIEKALSDNF
;
_entity_poly.pdbx_strand_id   A,B,C,D
#
# COMPACT_ATOMS: atom_id res chain seq x y z
N ARG A 6 -10.51 -4.59 -22.80
CA ARG A 6 -9.43 -5.50 -22.29
C ARG A 6 -9.01 -5.25 -20.82
N SER A 7 -9.62 -4.25 -20.14
CA SER A 7 -9.25 -3.85 -18.74
C SER A 7 -9.79 -4.73 -17.55
N SER A 8 -10.49 -4.16 -16.55
CA SER A 8 -10.83 -4.94 -15.33
C SER A 8 -12.33 -5.11 -14.88
N THR A 9 -13.22 -5.58 -15.78
CA THR A 9 -14.67 -5.74 -15.46
C THR A 9 -15.57 -6.84 -16.11
N GLY A 10 -16.27 -6.44 -17.18
CA GLY A 10 -17.51 -7.10 -17.62
C GLY A 10 -18.69 -6.65 -16.74
N PHE A 11 -18.76 -7.24 -15.54
CA PHE A 11 -19.90 -7.12 -14.61
C PHE A 11 -19.41 -6.59 -13.27
N LEU A 12 -18.55 -7.35 -12.62
CA LEU A 12 -18.09 -6.98 -11.30
C LEU A 12 -16.63 -6.52 -11.21
N VAL A 13 -15.68 -7.43 -11.36
CA VAL A 13 -14.27 -7.05 -11.37
C VAL A 13 -13.46 -8.28 -11.61
N LYS A 14 -12.62 -8.25 -12.64
CA LYS A 14 -11.78 -9.39 -12.93
C LYS A 14 -11.08 -9.90 -11.67
N GLN A 15 -11.18 -11.21 -11.47
CA GLN A 15 -10.55 -11.87 -10.33
C GLN A 15 -9.05 -11.60 -10.40
N ARG A 16 -8.54 -11.45 -11.62
CA ARG A 16 -7.14 -11.15 -11.81
C ARG A 16 -6.81 -9.70 -11.51
N ALA A 17 -7.79 -8.81 -11.65
CA ALA A 17 -7.55 -7.44 -11.24
C ALA A 17 -7.36 -7.54 -9.77
N PHE A 18 -8.33 -8.19 -9.14
CA PHE A 18 -8.41 -8.27 -7.71
C PHE A 18 -7.08 -8.76 -7.15
N LEU A 19 -6.60 -9.85 -7.72
CA LEU A 19 -5.40 -10.46 -7.24
C LEU A 19 -4.22 -9.51 -7.43
N LYS A 20 -4.16 -8.89 -8.61
CA LYS A 20 -3.10 -7.96 -8.95
C LYS A 20 -3.00 -6.87 -7.91
N LEU A 21 -4.16 -6.36 -7.52
CA LEU A 21 -4.24 -5.38 -6.45
C LEU A 21 -3.38 -5.81 -5.24
N TYR A 22 -3.71 -6.98 -4.67
CA TYR A 22 -3.00 -7.52 -3.52
C TYR A 22 -1.49 -7.68 -3.74
N MET A 23 -1.12 -8.19 -4.91
CA MET A 23 0.29 -8.39 -5.22
C MET A 23 1.08 -7.07 -5.17
N ILE A 24 0.51 -6.00 -5.70
CA ILE A 24 1.15 -4.70 -5.57
C ILE A 24 1.27 -4.37 -4.10
N THR A 25 0.16 -4.50 -3.38
CA THR A 25 0.17 -4.12 -1.99
C THR A 25 1.14 -4.99 -1.18
N MET A 26 1.54 -6.12 -1.74
CA MET A 26 2.54 -6.96 -1.10
C MET A 26 3.95 -6.65 -1.59
N THR A 27 4.06 -5.99 -2.74
CA THR A 27 5.35 -5.59 -3.30
C THR A 27 5.89 -4.36 -2.57
N GLU A 28 5.06 -3.33 -2.37
CA GLU A 28 5.30 -2.38 -1.27
C GLU A 28 5.01 -3.28 -0.09
N GLN A 29 5.72 -3.11 1.03
CA GLN A 29 5.67 -4.10 2.13
C GLN A 29 6.74 -5.18 1.95
N GLU A 30 7.37 -5.17 0.78
CA GLU A 30 8.45 -6.12 0.44
C GLU A 30 8.17 -7.62 0.67
N ARG A 31 6.94 -7.99 0.99
CA ARG A 31 6.61 -9.39 1.25
C ARG A 31 6.13 -10.22 0.04
N LEU A 32 6.44 -9.76 -1.17
CA LEU A 32 6.02 -10.49 -2.38
C LEU A 32 7.05 -11.51 -2.87
N TYR A 33 7.06 -12.66 -2.21
CA TYR A 33 8.01 -13.73 -2.52
C TYR A 33 7.32 -14.80 -3.31
N GLY A 34 7.90 -15.11 -4.47
CA GLY A 34 7.36 -16.11 -5.39
C GLY A 34 7.21 -17.51 -4.77
N LEU A 35 7.72 -17.67 -3.55
CA LEU A 35 7.65 -18.91 -2.79
C LEU A 35 6.22 -19.38 -2.54
N LYS A 36 5.81 -19.30 -1.29
CA LYS A 36 4.53 -19.83 -0.90
C LYS A 36 3.39 -18.90 -1.33
N LEU A 37 3.67 -18.02 -2.28
CA LEU A 37 2.66 -17.09 -2.78
C LEU A 37 1.21 -17.62 -2.76
N LEU A 38 0.98 -18.67 -3.55
CA LEU A 38 -0.32 -19.31 -3.65
C LEU A 38 -0.94 -19.61 -2.28
N LYS A 39 -0.12 -20.16 -1.37
CA LYS A 39 -0.54 -20.50 -0.01
C LYS A 39 -1.00 -19.27 0.78
N VAL A 40 -0.19 -18.20 0.72
CA VAL A 40 -0.53 -16.91 1.36
C VAL A 40 -1.88 -16.38 0.90
N LEU A 41 -2.01 -16.23 -0.41
CA LEU A 41 -3.21 -15.68 -0.97
C LEU A 41 -4.43 -16.49 -0.57
N GLN A 42 -4.33 -17.81 -0.65
CA GLN A 42 -5.43 -18.65 -0.24
C GLN A 42 -5.70 -18.47 1.25
N SER A 43 -4.64 -18.18 2.01
CA SER A 43 -4.77 -18.02 3.45
C SER A 43 -5.40 -16.68 3.80
N GLU A 44 -5.07 -15.64 3.03
CA GLU A 44 -5.74 -14.35 3.16
C GLU A 44 -7.26 -14.44 3.11
N PHE A 45 -7.79 -15.40 2.36
CA PHE A 45 -9.22 -15.39 2.00
C PHE A 45 -10.05 -16.57 2.45
N LYS A 46 -9.39 -17.59 3.01
CA LYS A 46 -10.10 -18.74 3.56
C LYS A 46 -10.83 -18.20 4.75
N GLU A 47 -12.13 -18.08 4.57
CA GLU A 47 -13.02 -17.56 5.59
C GLU A 47 -14.18 -16.84 4.91
N ILE A 48 -13.87 -16.11 3.84
CA ILE A 48 -14.91 -15.63 2.95
C ILE A 48 -15.03 -16.58 1.76
N GLY A 49 -14.54 -17.81 1.97
CA GLY A 49 -14.71 -18.92 1.01
C GLY A 49 -14.42 -18.54 -0.43
N PHE A 50 -13.20 -18.07 -0.64
CA PHE A 50 -12.66 -17.81 -1.96
C PHE A 50 -11.28 -18.39 -1.95
N LYS A 51 -11.06 -19.35 -2.84
CA LYS A 51 -9.82 -20.08 -2.82
C LYS A 51 -9.24 -19.90 -4.20
N PRO A 52 -8.45 -18.83 -4.38
CA PRO A 52 -7.85 -18.55 -5.69
C PRO A 52 -6.94 -19.70 -6.12
N ASN A 53 -7.13 -20.22 -7.33
CA ASN A 53 -6.39 -21.41 -7.74
C ASN A 53 -4.99 -21.06 -8.25
N HIS A 54 -4.19 -22.09 -8.50
CA HIS A 54 -2.85 -21.89 -8.99
C HIS A 54 -2.79 -21.01 -10.23
N THR A 55 -3.49 -21.44 -11.28
CA THR A 55 -3.48 -20.78 -12.59
C THR A 55 -3.77 -19.28 -12.48
N GLU A 56 -4.85 -18.94 -11.78
CA GLU A 56 -5.28 -17.55 -11.63
C GLU A 56 -4.23 -16.65 -10.93
N VAL A 57 -3.70 -17.13 -9.81
CA VAL A 57 -2.64 -16.46 -9.06
C VAL A 57 -1.47 -16.17 -10.02
N TYR A 58 -1.01 -17.21 -10.70
CA TYR A 58 0.20 -17.10 -11.51
C TYR A 58 -0.01 -16.39 -12.84
N ARG A 59 -1.25 -16.33 -13.31
CA ARG A 59 -1.55 -15.48 -14.45
C ARG A 59 -1.58 -14.03 -14.00
N SER A 60 -2.16 -13.78 -12.83
CA SER A 60 -2.08 -12.45 -12.25
C SER A 60 -0.61 -12.02 -12.12
N LEU A 61 0.24 -12.94 -11.68
CA LEU A 61 1.63 -12.58 -11.47
C LEU A 61 2.40 -12.31 -12.76
N HIS A 62 2.18 -13.13 -13.77
CA HIS A 62 2.98 -13.03 -14.99
C HIS A 62 2.53 -11.86 -15.86
N GLU A 63 1.24 -11.56 -15.79
CA GLU A 63 0.70 -10.36 -16.42
C GLU A 63 1.37 -9.06 -15.91
N LEU A 64 1.65 -8.98 -14.60
CA LEU A 64 2.33 -7.82 -14.00
C LEU A 64 3.80 -7.65 -14.40
N LEU A 65 4.45 -8.76 -14.72
CA LEU A 65 5.80 -8.69 -15.26
C LEU A 65 5.64 -8.23 -16.70
N ASP A 66 4.64 -8.77 -17.38
CA ASP A 66 4.40 -8.47 -18.78
C ASP A 66 4.09 -7.00 -19.07
N ASP A 67 3.36 -6.36 -18.14
CA ASP A 67 3.01 -4.94 -18.26
C ASP A 67 4.11 -4.11 -17.62
N GLY A 68 5.28 -4.71 -17.47
CA GLY A 68 6.43 -4.07 -16.85
C GLY A 68 6.20 -3.54 -15.44
N ILE A 69 5.12 -3.97 -14.80
CA ILE A 69 4.86 -3.44 -13.46
C ILE A 69 5.79 -4.05 -12.42
N LEU A 70 5.92 -5.37 -12.41
CA LEU A 70 6.84 -6.03 -11.49
C LEU A 70 8.18 -6.48 -12.13
N LYS A 71 9.18 -6.72 -11.30
CA LYS A 71 10.40 -7.37 -11.76
C LYS A 71 10.89 -8.47 -10.77
N GLN A 72 11.67 -9.42 -11.31
CA GLN A 72 12.24 -10.54 -10.52
C GLN A 72 13.64 -10.23 -9.96
N ILE A 73 13.90 -10.74 -8.74
CA ILE A 73 15.28 -10.86 -8.22
C ILE A 73 15.62 -12.32 -7.91
N GLU A 84 18.26 -16.82 -1.17
CA GLU A 84 17.85 -16.28 -2.47
C GLU A 84 16.78 -17.16 -3.17
N VAL A 85 15.50 -16.96 -2.84
CA VAL A 85 14.43 -17.59 -3.64
C VAL A 85 14.13 -16.68 -4.84
N VAL A 86 12.90 -16.18 -4.93
CA VAL A 86 12.59 -15.10 -5.85
C VAL A 86 11.74 -14.07 -5.09
N LEU A 87 12.22 -12.82 -5.08
CA LEU A 87 11.47 -11.66 -4.58
C LEU A 87 11.08 -10.84 -5.80
N TYR A 88 10.03 -10.03 -5.64
CA TYR A 88 9.60 -9.11 -6.69
C TYR A 88 9.65 -7.66 -6.20
N GLN A 89 10.23 -6.78 -7.02
CA GLN A 89 10.15 -5.35 -6.78
C GLN A 89 9.50 -4.67 -7.95
N PHE A 90 9.20 -3.39 -7.79
CA PHE A 90 8.61 -2.61 -8.86
C PHE A 90 9.59 -2.29 -9.97
N LYS A 91 9.21 -2.65 -11.19
CA LYS A 91 9.92 -2.17 -12.35
C LYS A 91 9.51 -0.71 -12.57
N ASP A 92 8.23 -0.49 -12.83
CA ASP A 92 7.70 0.84 -13.12
C ASP A 92 6.67 1.11 -12.04
N TYR A 93 7.14 1.64 -10.92
CA TYR A 93 6.28 1.89 -9.75
C TYR A 93 5.21 2.93 -10.05
N GLU A 94 5.54 3.85 -10.94
CA GLU A 94 4.58 4.84 -11.41
C GLU A 94 3.33 4.18 -11.93
N ALA A 95 3.48 3.41 -13.02
CA ALA A 95 2.36 2.66 -13.60
C ALA A 95 1.55 1.89 -12.54
N ALA A 96 2.27 1.26 -11.60
CA ALA A 96 1.68 0.56 -10.46
C ALA A 96 0.86 1.50 -9.57
N LYS A 97 1.46 2.63 -9.18
CA LYS A 97 0.81 3.60 -8.29
C LYS A 97 -0.58 3.95 -8.85
N LEU A 98 -0.60 4.39 -10.10
CA LEU A 98 -1.85 4.71 -10.80
C LEU A 98 -2.80 3.52 -10.88
N TYR A 99 -2.23 2.33 -11.07
CA TYR A 99 -3.03 1.12 -11.23
C TYR A 99 -3.86 0.76 -10.01
N LYS A 100 -3.30 0.98 -8.82
CA LYS A 100 -4.03 0.80 -7.55
C LYS A 100 -5.16 1.77 -7.46
N LYS A 101 -4.91 2.97 -7.94
CA LYS A 101 -5.96 3.98 -7.94
C LYS A 101 -7.07 3.64 -8.94
N GLN A 102 -6.76 2.86 -9.97
CA GLN A 102 -7.79 2.35 -10.88
C GLN A 102 -8.63 1.30 -10.20
N LEU A 103 -8.03 0.54 -9.29
CA LEU A 103 -8.73 -0.54 -8.61
C LEU A 103 -9.62 -0.01 -7.49
N LYS A 104 -9.13 1.00 -6.79
CA LYS A 104 -9.91 1.64 -5.72
C LYS A 104 -11.25 2.10 -6.28
N VAL A 105 -11.22 2.70 -7.46
CA VAL A 105 -12.45 3.09 -8.14
C VAL A 105 -13.31 1.86 -8.52
N GLU A 106 -12.69 0.85 -9.13
CA GLU A 106 -13.37 -0.42 -9.45
C GLU A 106 -14.03 -1.09 -8.26
N LEU A 107 -13.33 -1.09 -7.14
CA LEU A 107 -13.82 -1.76 -5.95
C LEU A 107 -14.99 -1.00 -5.33
N ASP A 108 -14.92 0.33 -5.36
CA ASP A 108 -16.00 1.20 -4.90
C ASP A 108 -17.27 1.06 -5.72
N ARG A 109 -17.10 1.03 -7.04
CA ARG A 109 -18.19 0.78 -7.97
C ARG A 109 -18.82 -0.55 -7.57
N CYS A 110 -17.98 -1.57 -7.41
CA CYS A 110 -18.41 -2.88 -6.99
C CYS A 110 -19.11 -2.88 -5.64
N LYS A 111 -18.58 -2.10 -4.68
CA LYS A 111 -19.18 -2.00 -3.36
C LYS A 111 -20.58 -1.42 -3.54
N LYS A 112 -20.67 -0.34 -4.32
CA LYS A 112 -21.94 0.32 -4.56
C LYS A 112 -22.96 -0.60 -5.23
N LEU A 113 -22.53 -1.37 -6.24
CA LEU A 113 -23.41 -2.29 -6.94
C LEU A 113 -23.98 -3.38 -6.02
N ILE A 114 -23.16 -3.93 -5.14
CA ILE A 114 -23.69 -4.93 -4.25
C ILE A 114 -24.73 -4.32 -3.30
N GLU A 115 -24.40 -3.15 -2.76
CA GLU A 115 -25.30 -2.40 -1.89
C GLU A 115 -26.60 -2.00 -2.56
N LYS A 116 -26.54 -1.63 -3.83
CA LYS A 116 -27.76 -1.35 -4.56
C LYS A 116 -28.63 -2.59 -4.61
N ALA A 117 -28.01 -3.74 -4.91
CA ALA A 117 -28.72 -5.00 -5.00
C ALA A 117 -29.28 -5.33 -3.66
N LEU A 118 -28.47 -5.13 -2.62
CA LEU A 118 -28.91 -5.47 -1.27
C LEU A 118 -30.14 -4.68 -0.86
N SER A 119 -30.10 -3.38 -1.14
CA SER A 119 -31.15 -2.49 -0.70
C SER A 119 -32.37 -2.64 -1.58
N ASP A 120 -32.15 -2.81 -2.88
CA ASP A 120 -33.24 -3.00 -3.83
C ASP A 120 -34.09 -4.26 -3.59
N ASN A 121 -33.45 -5.33 -3.11
CA ASN A 121 -34.07 -6.67 -3.04
C ASN A 121 -34.40 -7.19 -1.60
N PHE A 122 -34.11 -6.38 -0.58
CA PHE A 122 -34.31 -6.80 0.80
C PHE A 122 -34.67 -5.58 1.66
N SER B 8 -24.53 -20.47 -8.08
CA SER B 8 -24.82 -19.02 -7.82
C SER B 8 -23.59 -18.12 -7.45
N THR B 9 -22.35 -18.65 -7.56
CA THR B 9 -21.11 -17.99 -7.06
C THR B 9 -19.77 -18.58 -7.57
N GLY B 10 -18.67 -18.22 -6.89
CA GLY B 10 -17.29 -18.81 -7.01
C GLY B 10 -16.27 -17.71 -7.29
N PHE B 11 -15.59 -17.17 -6.27
CA PHE B 11 -15.07 -15.76 -6.28
C PHE B 11 -16.18 -14.74 -5.94
N LEU B 12 -16.78 -14.14 -6.97
CA LEU B 12 -17.97 -13.27 -6.79
C LEU B 12 -19.29 -13.82 -7.37
N VAL B 13 -20.41 -13.35 -6.85
CA VAL B 13 -21.74 -13.73 -7.35
C VAL B 13 -21.85 -13.78 -8.89
N LYS B 14 -22.57 -14.77 -9.41
CA LYS B 14 -22.80 -14.87 -10.87
C LYS B 14 -23.73 -13.77 -11.37
N GLN B 15 -23.37 -13.12 -12.48
CA GLN B 15 -24.23 -12.06 -13.06
C GLN B 15 -25.63 -12.55 -13.25
N ARG B 16 -25.74 -13.78 -13.75
CA ARG B 16 -27.04 -14.37 -13.96
C ARG B 16 -27.85 -14.56 -12.66
N ALA B 17 -27.21 -14.99 -11.58
CA ALA B 17 -27.87 -15.12 -10.27
C ALA B 17 -28.41 -13.77 -9.82
N PHE B 18 -27.52 -12.79 -9.82
CA PHE B 18 -27.80 -11.38 -9.59
C PHE B 18 -29.02 -10.89 -10.37
N LEU B 19 -29.01 -11.10 -11.67
CA LEU B 19 -30.17 -10.72 -12.47
C LEU B 19 -31.45 -11.38 -11.94
N LYS B 20 -31.44 -12.70 -11.81
CA LYS B 20 -32.63 -13.43 -11.35
C LYS B 20 -33.19 -12.85 -10.04
N LEU B 21 -32.32 -12.40 -9.14
CA LEU B 21 -32.80 -11.87 -7.86
C LEU B 21 -33.69 -10.68 -8.09
N TYR B 22 -33.23 -9.76 -8.92
CA TYR B 22 -34.02 -8.63 -9.34
C TYR B 22 -35.33 -9.07 -9.93
N MET B 23 -35.25 -10.04 -10.84
CA MET B 23 -36.43 -10.56 -11.54
C MET B 23 -37.50 -11.09 -10.57
N ILE B 24 -37.07 -11.79 -9.53
CA ILE B 24 -37.97 -12.23 -8.47
C ILE B 24 -38.55 -11.06 -7.67
N THR B 25 -37.74 -10.05 -7.36
CA THR B 25 -38.28 -8.90 -6.63
C THR B 25 -39.28 -8.14 -7.49
N MET B 26 -38.95 -7.99 -8.75
CA MET B 26 -39.81 -7.26 -9.65
C MET B 26 -41.16 -7.97 -9.72
N THR B 27 -41.09 -9.31 -9.74
CA THR B 27 -42.29 -10.12 -9.68
C THR B 27 -43.05 -9.92 -8.35
N GLU B 28 -42.31 -9.89 -7.23
CA GLU B 28 -42.90 -9.54 -5.94
C GLU B 28 -43.61 -8.20 -6.03
N GLN B 29 -43.09 -7.29 -6.86
CA GLN B 29 -43.73 -5.97 -7.04
C GLN B 29 -44.76 -5.91 -8.14
N GLU B 30 -45.06 -7.06 -8.73
CA GLU B 30 -46.17 -7.20 -9.68
C GLU B 30 -45.87 -6.33 -10.92
N ARG B 31 -44.65 -6.45 -11.42
CA ARG B 31 -44.21 -5.60 -12.51
C ARG B 31 -43.12 -6.22 -13.38
N LEU B 32 -43.07 -7.54 -13.49
CA LEU B 32 -42.19 -8.13 -14.47
C LEU B 32 -42.99 -8.15 -15.76
N TYR B 33 -42.74 -7.17 -16.61
CA TYR B 33 -43.46 -7.11 -17.85
C TYR B 33 -42.68 -7.76 -18.91
N GLY B 34 -43.39 -8.40 -19.84
CA GLY B 34 -42.78 -9.10 -20.94
C GLY B 34 -42.03 -8.14 -21.84
N LEU B 35 -42.73 -7.07 -22.21
CA LEU B 35 -42.43 -6.29 -23.38
C LEU B 35 -41.16 -5.40 -23.25
N LYS B 36 -41.18 -4.54 -22.25
CA LYS B 36 -40.13 -3.55 -22.06
C LYS B 36 -38.79 -4.22 -21.64
N LEU B 37 -38.87 -5.07 -20.60
CA LEU B 37 -37.79 -5.88 -19.95
C LEU B 37 -36.29 -5.57 -20.04
N LEU B 38 -35.72 -5.70 -21.24
CA LEU B 38 -34.29 -5.49 -21.38
C LEU B 38 -33.96 -4.02 -21.13
N LYS B 39 -34.68 -3.11 -21.82
CA LYS B 39 -34.60 -1.65 -21.57
C LYS B 39 -34.69 -1.36 -20.08
N VAL B 40 -35.66 -2.01 -19.43
CA VAL B 40 -35.91 -1.80 -18.01
C VAL B 40 -34.64 -2.03 -17.20
N LEU B 41 -34.02 -3.19 -17.40
CA LEU B 41 -32.91 -3.58 -16.55
C LEU B 41 -31.70 -2.69 -16.79
N GLN B 42 -31.36 -2.51 -18.05
CA GLN B 42 -30.22 -1.69 -18.42
C GLN B 42 -30.35 -0.32 -17.80
N SER B 43 -31.61 0.10 -17.64
CA SER B 43 -31.91 1.38 -16.98
C SER B 43 -31.67 1.39 -15.45
N GLU B 44 -31.90 0.27 -14.77
CA GLU B 44 -31.59 0.18 -13.34
C GLU B 44 -30.11 0.40 -13.03
N PHE B 45 -29.24 -0.12 -13.90
CA PHE B 45 -27.81 -0.28 -13.60
C PHE B 45 -26.84 0.63 -14.38
N LYS B 46 -27.34 1.29 -15.41
CA LYS B 46 -26.71 2.52 -15.92
C LYS B 46 -26.58 3.45 -14.72
N GLU B 47 -25.45 4.14 -14.61
CA GLU B 47 -25.19 4.97 -13.46
C GLU B 47 -24.38 4.17 -12.42
N ILE B 48 -24.16 2.89 -12.71
CA ILE B 48 -23.26 2.07 -11.90
C ILE B 48 -22.39 1.21 -12.80
N GLY B 49 -22.41 1.52 -14.09
CA GLY B 49 -21.46 0.97 -15.05
C GLY B 49 -21.70 -0.50 -15.34
N PHE B 50 -22.93 -0.93 -15.06
CA PHE B 50 -23.35 -2.25 -15.42
C PHE B 50 -24.51 -2.13 -16.37
N LYS B 51 -24.32 -2.73 -17.54
CA LYS B 51 -25.31 -2.73 -18.58
C LYS B 51 -25.40 -4.18 -19.01
N PRO B 52 -26.48 -4.86 -18.62
CA PRO B 52 -26.67 -6.27 -18.98
C PRO B 52 -27.07 -6.44 -20.44
N ASN B 53 -26.66 -7.56 -21.03
CA ASN B 53 -26.99 -7.84 -22.42
C ASN B 53 -28.13 -8.84 -22.61
N HIS B 54 -28.69 -8.83 -23.82
CA HIS B 54 -29.85 -9.62 -24.16
C HIS B 54 -29.73 -11.06 -23.63
N THR B 55 -28.63 -11.73 -23.98
CA THR B 55 -28.42 -13.15 -23.66
C THR B 55 -28.51 -13.37 -22.15
N GLU B 56 -27.86 -12.50 -21.41
CA GLU B 56 -27.83 -12.63 -19.97
C GLU B 56 -29.24 -12.59 -19.41
N VAL B 57 -29.95 -11.52 -19.74
CA VAL B 57 -31.31 -11.25 -19.28
C VAL B 57 -32.31 -12.31 -19.72
N TYR B 58 -32.21 -12.79 -20.95
CA TYR B 58 -33.18 -13.78 -21.38
C TYR B 58 -32.90 -15.19 -20.89
N ARG B 59 -31.63 -15.54 -20.80
CA ARG B 59 -31.20 -16.77 -20.18
C ARG B 59 -31.63 -16.81 -18.70
N SER B 60 -31.47 -15.69 -18.00
CA SER B 60 -31.98 -15.56 -16.64
C SER B 60 -33.48 -15.71 -16.56
N LEU B 61 -34.20 -14.90 -17.32
CA LEU B 61 -35.64 -15.07 -17.37
C LEU B 61 -36.02 -16.51 -17.70
N HIS B 62 -35.35 -17.12 -18.68
CA HIS B 62 -35.75 -18.46 -19.09
C HIS B 62 -35.43 -19.54 -18.10
N GLU B 63 -34.33 -19.40 -17.36
CA GLU B 63 -34.04 -20.33 -16.30
C GLU B 63 -35.14 -20.32 -15.26
N LEU B 64 -35.60 -19.14 -14.89
CA LEU B 64 -36.62 -19.00 -13.86
C LEU B 64 -37.93 -19.66 -14.23
N LEU B 65 -38.22 -19.70 -15.52
CA LEU B 65 -39.38 -20.41 -16.04
C LEU B 65 -39.10 -21.93 -16.09
N ASP B 66 -38.02 -22.32 -16.77
CA ASP B 66 -37.66 -23.73 -16.87
C ASP B 66 -37.65 -24.37 -15.50
N ASP B 67 -36.94 -23.76 -14.53
CA ASP B 67 -36.92 -24.27 -13.17
C ASP B 67 -38.28 -24.18 -12.51
N GLY B 68 -39.15 -23.28 -12.96
CA GLY B 68 -40.52 -23.24 -12.46
C GLY B 68 -40.87 -22.25 -11.36
N ILE B 69 -39.99 -21.25 -11.16
CA ILE B 69 -40.26 -20.14 -10.24
C ILE B 69 -41.31 -19.22 -10.86
N LEU B 70 -41.23 -18.99 -12.17
CA LEU B 70 -42.20 -18.14 -12.84
C LEU B 70 -43.07 -18.89 -13.85
N LYS B 71 -44.35 -18.52 -13.87
CA LYS B 71 -45.30 -18.80 -14.97
C LYS B 71 -45.57 -17.49 -15.72
N GLN B 72 -45.83 -17.59 -17.03
CA GLN B 72 -46.24 -16.42 -17.83
C GLN B 72 -47.75 -16.22 -17.80
N ILE B 73 -48.20 -14.97 -17.95
CA ILE B 73 -49.61 -14.62 -17.91
C ILE B 73 -49.94 -13.67 -19.06
N LYS B 74 -51.21 -13.41 -19.30
CA LYS B 74 -51.61 -12.32 -20.19
C LYS B 74 -52.58 -11.41 -19.40
N VAL B 75 -52.61 -10.10 -19.70
CA VAL B 75 -53.40 -9.10 -18.90
C VAL B 75 -53.99 -7.85 -19.62
N LYS B 76 -53.13 -6.85 -19.86
CA LYS B 76 -53.39 -5.51 -20.52
C LYS B 76 -54.21 -4.44 -19.82
N LYS B 77 -53.64 -3.22 -19.86
CA LYS B 77 -54.33 -1.99 -19.47
C LYS B 77 -54.39 -0.95 -20.59
N GLU B 78 -55.31 0.00 -20.43
CA GLU B 78 -56.01 0.73 -21.51
C GLU B 78 -55.27 1.15 -22.79
N GLY B 79 -56.05 1.25 -23.87
CA GLY B 79 -55.52 1.44 -25.21
C GLY B 79 -55.36 0.09 -25.87
N GLN B 83 -56.23 -5.31 -26.64
CA GLN B 83 -54.84 -5.65 -26.39
C GLN B 83 -54.64 -6.46 -25.09
N GLU B 84 -53.51 -7.17 -24.97
CA GLU B 84 -53.38 -8.14 -23.89
C GLU B 84 -52.06 -8.19 -23.10
N VAL B 85 -50.91 -8.14 -23.74
CA VAL B 85 -49.66 -7.94 -22.95
C VAL B 85 -49.28 -9.00 -21.85
N VAL B 86 -47.99 -9.33 -21.82
CA VAL B 86 -47.46 -10.40 -20.99
C VAL B 86 -46.87 -9.90 -19.67
N LEU B 87 -47.34 -10.48 -18.57
CA LEU B 87 -46.80 -10.21 -17.24
C LEU B 87 -46.30 -11.50 -16.66
N TYR B 88 -45.12 -11.45 -16.06
CA TYR B 88 -44.59 -12.59 -15.35
C TYR B 88 -45.06 -12.64 -13.91
N GLN B 89 -45.43 -13.84 -13.49
CA GLN B 89 -46.00 -14.08 -12.19
C GLN B 89 -45.21 -15.16 -11.50
N PHE B 90 -45.35 -15.26 -10.18
CA PHE B 90 -44.82 -16.42 -9.45
C PHE B 90 -45.57 -17.68 -9.80
N LYS B 91 -44.84 -18.79 -9.86
CA LYS B 91 -45.46 -20.12 -9.96
C LYS B 91 -45.17 -21.01 -8.74
N ASP B 92 -43.92 -21.06 -8.30
CA ASP B 92 -43.58 -21.65 -7.01
C ASP B 92 -42.89 -20.57 -6.17
N TYR B 93 -43.70 -19.65 -5.68
CA TYR B 93 -43.20 -18.54 -4.91
C TYR B 93 -42.34 -18.96 -3.71
N GLU B 94 -42.61 -20.15 -3.16
CA GLU B 94 -41.78 -20.68 -2.06
C GLU B 94 -40.32 -20.93 -2.45
N ALA B 95 -40.10 -21.44 -3.67
CA ALA B 95 -38.73 -21.64 -4.19
C ALA B 95 -38.09 -20.29 -4.52
N ALA B 96 -38.90 -19.41 -5.08
CA ALA B 96 -38.50 -18.02 -5.30
C ALA B 96 -38.03 -17.38 -4.01
N LYS B 97 -38.68 -17.74 -2.90
CA LYS B 97 -38.34 -17.19 -1.59
C LYS B 97 -37.02 -17.74 -1.11
N LEU B 98 -36.79 -19.02 -1.36
CA LEU B 98 -35.55 -19.69 -0.95
C LEU B 98 -34.38 -19.02 -1.62
N TYR B 99 -34.52 -18.85 -2.92
CA TYR B 99 -33.49 -18.29 -3.73
C TYR B 99 -33.09 -16.91 -3.22
N LYS B 100 -34.05 -16.06 -2.89
CA LYS B 100 -33.73 -14.74 -2.35
C LYS B 100 -32.89 -14.89 -1.10
N LYS B 101 -33.28 -15.81 -0.22
CA LYS B 101 -32.50 -16.08 0.97
C LYS B 101 -31.08 -16.58 0.66
N GLN B 102 -30.94 -17.52 -0.27
CA GLN B 102 -29.63 -17.95 -0.75
C GLN B 102 -28.73 -16.77 -1.21
N LEU B 103 -29.30 -15.88 -2.03
CA LEU B 103 -28.57 -14.78 -2.65
C LEU B 103 -28.15 -13.71 -1.65
N LYS B 104 -28.96 -13.53 -0.60
CA LYS B 104 -28.63 -12.62 0.49
C LYS B 104 -27.29 -13.04 1.05
N VAL B 105 -27.25 -14.29 1.49
CA VAL B 105 -26.02 -14.89 2.01
C VAL B 105 -24.88 -14.68 1.04
N GLU B 106 -25.16 -14.89 -0.23
CA GLU B 106 -24.14 -14.71 -1.26
C GLU B 106 -23.69 -13.25 -1.36
N LEU B 107 -24.66 -12.35 -1.47
CA LEU B 107 -24.35 -10.93 -1.51
C LEU B 107 -23.56 -10.50 -0.28
N ASP B 108 -24.10 -10.71 0.91
CA ASP B 108 -23.37 -10.35 2.11
C ASP B 108 -21.91 -10.77 2.00
N ARG B 109 -21.64 -11.94 1.43
CA ARG B 109 -20.23 -12.38 1.31
C ARG B 109 -19.44 -11.46 0.37
N CYS B 110 -20.01 -11.16 -0.78
CA CYS B 110 -19.32 -10.38 -1.78
C CYS B 110 -18.98 -9.01 -1.19
N LYS B 111 -19.99 -8.38 -0.59
CA LYS B 111 -19.79 -7.13 0.12
C LYS B 111 -18.65 -7.27 1.14
N LYS B 112 -18.58 -8.41 1.84
CA LYS B 112 -17.48 -8.65 2.78
C LYS B 112 -16.10 -8.73 2.04
N LEU B 113 -16.07 -9.52 0.98
CA LEU B 113 -14.87 -9.74 0.19
C LEU B 113 -14.31 -8.42 -0.37
N ILE B 114 -15.20 -7.57 -0.91
CA ILE B 114 -14.82 -6.23 -1.37
C ILE B 114 -14.37 -5.31 -0.22
N GLU B 115 -14.98 -5.46 0.96
CA GLU B 115 -14.58 -4.68 2.14
C GLU B 115 -13.24 -5.05 2.64
N LYS B 116 -12.90 -6.34 2.55
CA LYS B 116 -11.55 -6.80 2.88
C LYS B 116 -10.55 -6.17 1.92
N ALA B 117 -10.81 -6.30 0.62
CA ALA B 117 -9.95 -5.73 -0.41
C ALA B 117 -9.62 -4.25 -0.17
N LEU B 118 -10.64 -3.48 0.15
CA LEU B 118 -10.52 -2.04 0.29
C LEU B 118 -9.70 -1.67 1.52
N SER B 119 -9.90 -2.41 2.61
CA SER B 119 -9.13 -2.14 3.82
C SER B 119 -7.77 -2.87 3.87
N ASP B 120 -7.54 -3.80 2.94
CA ASP B 120 -6.29 -4.54 2.88
C ASP B 120 -5.20 -3.87 2.03
N ASN B 121 -5.58 -2.86 1.26
CA ASN B 121 -4.72 -2.31 0.20
C ASN B 121 -4.66 -0.78 0.14
N PHE B 122 -5.52 -0.14 0.92
CA PHE B 122 -5.67 1.30 0.89
C PHE B 122 -5.69 1.85 2.30
N PHE C 11 21.79 12.20 16.77
CA PHE C 11 20.62 11.85 15.89
C PHE C 11 20.80 10.52 15.13
N LEU C 12 20.66 10.54 13.80
CA LEU C 12 20.73 9.31 12.99
C LEU C 12 22.19 8.89 12.71
N VAL C 13 22.61 8.85 11.45
CA VAL C 13 23.95 8.39 11.13
C VAL C 13 24.48 9.21 9.98
N LYS C 14 25.75 9.57 10.06
CA LYS C 14 26.38 10.41 9.05
C LYS C 14 26.51 9.64 7.73
N GLN C 15 26.14 10.29 6.63
CA GLN C 15 26.17 9.70 5.30
C GLN C 15 27.54 9.10 5.02
N ARG C 16 28.57 9.66 5.62
CA ARG C 16 29.89 9.20 5.27
C ARG C 16 30.30 7.95 6.04
N ALA C 17 30.14 8.01 7.36
CA ALA C 17 30.28 6.82 8.22
C ALA C 17 29.64 5.65 7.50
N PHE C 18 28.45 5.89 6.97
CA PHE C 18 27.68 4.90 6.24
C PHE C 18 28.34 4.36 4.95
N LEU C 19 28.96 5.24 4.16
CA LEU C 19 29.62 4.80 2.92
C LEU C 19 30.91 4.10 3.33
N LYS C 20 31.60 4.71 4.30
CA LYS C 20 32.80 4.14 4.83
C LYS C 20 32.59 2.68 5.15
N LEU C 21 31.49 2.36 5.83
CA LEU C 21 31.19 0.97 6.20
C LEU C 21 31.13 0.08 4.96
N TYR C 22 30.27 0.40 4.00
CA TYR C 22 30.22 -0.35 2.74
C TYR C 22 31.59 -0.51 2.11
N MET C 23 32.41 0.54 2.21
CA MET C 23 33.72 0.54 1.60
C MET C 23 34.63 -0.51 2.25
N ILE C 24 34.43 -0.71 3.55
CA ILE C 24 35.16 -1.73 4.28
C ILE C 24 34.75 -3.14 3.84
N THR C 25 33.46 -3.48 3.94
CA THR C 25 32.99 -4.77 3.43
C THR C 25 33.48 -5.01 1.99
N MET C 26 33.62 -3.92 1.25
CA MET C 26 34.08 -4.01 -0.11
C MET C 26 35.59 -4.26 -0.25
N THR C 27 36.34 -4.05 0.84
CA THR C 27 37.81 -4.25 0.80
C THR C 27 38.17 -5.67 1.23
N GLU C 28 37.35 -6.25 2.11
CA GLU C 28 37.23 -7.71 2.15
C GLU C 28 36.68 -7.95 0.74
N GLN C 29 36.23 -9.13 0.38
CA GLN C 29 35.46 -9.16 -0.88
C GLN C 29 36.26 -8.72 -2.09
N GLU C 30 37.34 -7.96 -1.84
CA GLU C 30 38.41 -7.69 -2.78
C GLU C 30 38.02 -6.88 -3.99
N ARG C 31 37.05 -5.99 -3.81
CA ARG C 31 36.45 -5.28 -4.95
C ARG C 31 36.36 -3.77 -4.73
N LEU C 32 37.31 -3.22 -3.99
CA LEU C 32 37.43 -1.78 -3.85
C LEU C 32 38.50 -1.28 -4.82
N TYR C 33 38.03 -0.58 -5.85
CA TYR C 33 38.92 0.01 -6.84
C TYR C 33 38.50 1.44 -7.00
N GLY C 34 39.46 2.32 -7.24
CA GLY C 34 39.18 3.75 -7.27
C GLY C 34 38.42 4.12 -8.51
N LEU C 35 38.57 3.24 -9.50
CA LEU C 35 38.13 3.40 -10.87
C LEU C 35 36.68 3.84 -11.05
N LYS C 36 35.73 2.91 -10.93
CA LYS C 36 34.34 3.23 -11.24
C LYS C 36 33.49 3.15 -9.98
N LEU C 37 34.18 3.00 -8.86
CA LEU C 37 33.61 3.03 -7.53
C LEU C 37 32.31 3.84 -7.35
N LEU C 38 32.23 5.04 -7.92
CA LEU C 38 31.04 5.85 -7.72
C LEU C 38 29.83 5.21 -8.39
N LYS C 39 29.98 4.81 -9.65
CA LYS C 39 28.95 4.02 -10.34
C LYS C 39 28.50 2.87 -9.45
N VAL C 40 29.48 2.12 -8.99
CA VAL C 40 29.25 0.94 -8.19
C VAL C 40 28.33 1.30 -7.04
N LEU C 41 28.74 2.28 -6.26
CA LEU C 41 27.99 2.65 -5.09
C LEU C 41 26.62 3.17 -5.52
N GLN C 42 26.60 3.91 -6.62
CA GLN C 42 25.39 4.54 -7.13
C GLN C 42 24.37 3.46 -7.41
N SER C 43 24.83 2.40 -8.04
CA SER C 43 23.99 1.31 -8.47
C SER C 43 23.52 0.42 -7.31
N GLU C 44 24.25 0.45 -6.20
CA GLU C 44 23.87 -0.31 -5.02
C GLU C 44 22.65 0.30 -4.32
N PHE C 45 22.49 1.61 -4.43
CA PHE C 45 21.48 2.31 -3.66
C PHE C 45 20.38 2.94 -4.51
N LYS C 46 20.68 3.23 -5.77
CA LYS C 46 19.65 3.71 -6.70
C LYS C 46 18.64 2.57 -6.81
N GLU C 47 17.45 2.82 -6.27
CA GLU C 47 16.44 1.80 -6.11
C GLU C 47 15.78 2.13 -4.80
N ILE C 48 16.60 2.40 -3.79
CA ILE C 48 16.11 2.86 -2.51
C ILE C 48 16.17 4.39 -2.56
N GLY C 49 16.43 4.90 -3.76
CA GLY C 49 16.46 6.34 -3.99
C GLY C 49 17.49 7.03 -3.12
N PHE C 50 18.71 6.49 -3.11
CA PHE C 50 19.83 7.18 -2.47
C PHE C 50 20.96 7.25 -3.50
N LYS C 51 21.27 8.47 -3.93
CA LYS C 51 22.31 8.69 -4.94
C LYS C 51 23.47 9.49 -4.32
N PRO C 52 24.48 8.77 -3.80
CA PRO C 52 25.57 9.50 -3.15
C PRO C 52 26.39 10.23 -4.20
N ASN C 53 26.69 11.50 -3.97
CA ASN C 53 27.43 12.27 -4.96
C ASN C 53 28.92 11.93 -4.90
N HIS C 54 29.67 12.39 -5.91
CA HIS C 54 31.12 12.19 -6.04
C HIS C 54 31.86 12.56 -4.74
N THR C 55 31.69 13.81 -4.34
CA THR C 55 32.22 14.36 -3.10
C THR C 55 32.09 13.41 -1.92
N GLU C 56 30.86 13.15 -1.48
CA GLU C 56 30.61 12.26 -0.35
C GLU C 56 31.36 10.94 -0.43
N VAL C 57 31.34 10.32 -1.62
CA VAL C 57 32.04 9.06 -1.84
C VAL C 57 33.55 9.23 -1.63
N TYR C 58 34.17 10.06 -2.46
CA TYR C 58 35.63 10.27 -2.37
C TYR C 58 36.10 10.88 -1.07
N ARG C 59 35.27 11.76 -0.49
CA ARG C 59 35.50 12.22 0.88
C ARG C 59 35.64 11.02 1.80
N SER C 60 34.64 10.13 1.73
CA SER C 60 34.60 8.92 2.54
C SER C 60 35.86 8.10 2.37
N LEU C 61 36.22 7.85 1.11
CA LEU C 61 37.34 6.99 0.77
C LEU C 61 38.67 7.60 1.23
N HIS C 62 38.85 8.90 1.00
CA HIS C 62 40.08 9.56 1.41
C HIS C 62 40.21 9.57 2.92
N GLU C 63 39.10 9.70 3.64
CA GLU C 63 39.16 9.68 5.10
C GLU C 63 39.62 8.34 5.67
N LEU C 64 39.15 7.26 5.03
CA LEU C 64 39.63 5.92 5.36
C LEU C 64 41.16 5.81 5.24
N LEU C 65 41.74 6.58 4.33
CA LEU C 65 43.18 6.59 4.15
C LEU C 65 43.78 7.44 5.26
N ASP C 66 43.25 8.65 5.42
CA ASP C 66 43.71 9.60 6.45
C ASP C 66 43.68 8.98 7.86
N ASP C 67 42.85 7.95 8.03
CA ASP C 67 42.66 7.31 9.31
C ASP C 67 43.51 6.06 9.54
N GLY C 68 44.27 5.66 8.51
CA GLY C 68 45.13 4.49 8.60
C GLY C 68 44.42 3.16 8.35
N ILE C 69 43.10 3.20 8.18
CA ILE C 69 42.32 1.99 7.89
C ILE C 69 42.60 1.42 6.48
N LEU C 70 42.55 2.25 5.44
CA LEU C 70 42.89 1.77 4.08
C LEU C 70 44.26 2.24 3.65
N LYS C 71 44.88 1.49 2.74
CA LYS C 71 46.05 1.98 2.00
C LYS C 71 45.75 1.84 0.51
N GLN C 72 46.48 2.55 -0.34
CA GLN C 72 46.31 2.34 -1.78
C GLN C 72 47.48 1.65 -2.47
N ILE C 73 47.12 0.89 -3.49
CA ILE C 73 48.05 0.01 -4.15
C ILE C 73 47.86 0.22 -5.64
N LYS C 74 48.98 0.45 -6.32
CA LYS C 74 49.05 0.58 -7.78
C LYS C 74 49.14 -0.80 -8.44
N VAL C 75 48.26 -1.06 -9.39
CA VAL C 75 48.23 -2.35 -10.04
C VAL C 75 47.95 -2.14 -11.54
N LYS C 76 48.52 -3.00 -12.39
CA LYS C 76 48.36 -2.90 -13.87
C LYS C 76 47.12 -3.61 -14.39
N GLN C 83 46.76 1.66 -19.00
CA GLN C 83 46.15 0.59 -18.21
C GLN C 83 46.00 0.99 -16.73
N GLU C 84 47.10 1.36 -16.07
CA GLU C 84 47.24 1.46 -14.59
C GLU C 84 46.10 2.01 -13.66
N VAL C 85 45.78 1.27 -12.60
CA VAL C 85 44.60 1.53 -11.72
C VAL C 85 44.90 1.43 -10.20
N VAL C 86 44.06 2.05 -9.36
CA VAL C 86 44.24 2.07 -7.90
C VAL C 86 43.38 1.03 -7.15
N LEU C 87 44.04 0.08 -6.51
CA LEU C 87 43.35 -0.89 -5.68
C LEU C 87 43.40 -0.38 -4.25
N TYR C 88 42.43 -0.80 -3.44
CA TYR C 88 42.41 -0.51 -2.01
C TYR C 88 42.57 -1.75 -1.13
N GLN C 89 43.38 -1.57 -0.07
CA GLN C 89 43.61 -2.62 0.91
C GLN C 89 43.64 -2.16 2.36
N PHE C 90 43.50 -3.12 3.26
CA PHE C 90 43.60 -2.83 4.66
C PHE C 90 45.00 -2.45 5.08
N LYS C 91 45.10 -1.35 5.81
CA LYS C 91 46.39 -0.90 6.32
C LYS C 91 46.47 -1.23 7.78
N ASP C 92 45.31 -1.28 8.42
CA ASP C 92 45.20 -1.59 9.84
C ASP C 92 43.84 -2.27 10.00
N TYR C 93 43.82 -3.58 9.72
CA TYR C 93 42.58 -4.34 9.79
C TYR C 93 41.89 -4.20 11.15
N GLU C 94 42.68 -4.28 12.23
CA GLU C 94 42.13 -4.17 13.60
C GLU C 94 41.27 -2.92 13.78
N ALA C 95 41.75 -1.80 13.24
CA ALA C 95 40.97 -0.57 13.26
C ALA C 95 39.71 -0.70 12.39
N ALA C 96 39.83 -1.42 11.27
CA ALA C 96 38.66 -1.69 10.45
C ALA C 96 37.63 -2.53 11.22
N LYS C 97 38.09 -3.63 11.82
CA LYS C 97 37.22 -4.53 12.57
C LYS C 97 36.46 -3.81 13.68
N LEU C 98 37.15 -2.91 14.37
CA LEU C 98 36.55 -2.10 15.42
C LEU C 98 35.51 -1.17 14.81
N TYR C 99 35.84 -0.55 13.68
CA TYR C 99 34.91 0.39 13.05
C TYR C 99 33.62 -0.31 12.59
N LYS C 100 33.76 -1.46 11.92
CA LYS C 100 32.62 -2.36 11.62
C LYS C 100 31.73 -2.62 12.84
N LYS C 101 32.33 -2.85 14.00
CA LYS C 101 31.56 -2.99 15.22
C LYS C 101 30.82 -1.73 15.68
N GLN C 102 31.43 -0.56 15.55
CA GLN C 102 30.77 0.70 15.98
C GLN C 102 29.59 1.03 15.10
N LEU C 103 29.74 0.77 13.82
CA LEU C 103 28.69 1.00 12.86
C LEU C 103 27.56 -0.01 13.01
N LYS C 104 27.87 -1.16 13.62
CA LYS C 104 26.86 -2.15 13.96
C LYS C 104 25.93 -1.55 15.00
N VAL C 105 26.52 -1.13 16.11
CA VAL C 105 25.85 -0.47 17.23
C VAL C 105 25.06 0.78 16.76
N GLU C 106 25.65 1.56 15.86
CA GLU C 106 25.03 2.75 15.33
C GLU C 106 23.78 2.49 14.48
N LEU C 107 23.94 1.61 13.49
CA LEU C 107 22.83 1.14 12.66
C LEU C 107 21.70 0.54 13.47
N ASP C 108 22.05 -0.18 14.53
CA ASP C 108 21.05 -0.81 15.39
C ASP C 108 20.24 0.24 16.12
N ARG C 109 20.94 1.23 16.64
CA ARG C 109 20.33 2.34 17.31
C ARG C 109 19.45 3.12 16.32
N CYS C 110 19.95 3.39 15.13
CA CYS C 110 19.12 4.02 14.11
C CYS C 110 17.83 3.24 13.80
N LYS C 111 17.93 1.93 13.54
CA LYS C 111 16.76 1.09 13.26
C LYS C 111 15.73 1.22 14.38
N LYS C 112 16.18 0.97 15.60
CA LYS C 112 15.33 1.09 16.77
C LYS C 112 14.67 2.48 16.85
N LEU C 113 15.42 3.53 16.53
CA LEU C 113 14.87 4.90 16.53
C LEU C 113 13.85 5.19 15.40
N ILE C 114 14.12 4.69 14.20
CA ILE C 114 13.17 4.80 13.10
C ILE C 114 11.85 4.05 13.38
N GLU C 115 11.93 2.91 14.07
CA GLU C 115 10.71 2.17 14.39
C GLU C 115 9.82 2.91 15.37
N LYS C 116 10.43 3.44 16.42
CA LYS C 116 9.72 4.19 17.44
C LYS C 116 8.94 5.22 16.71
N ALA C 117 9.67 6.10 16.02
CA ALA C 117 9.06 7.14 15.20
C ALA C 117 7.91 6.54 14.42
N LEU C 118 8.12 5.41 13.74
CA LEU C 118 7.04 4.84 12.96
C LEU C 118 5.86 4.46 13.83
N SER C 119 6.13 3.75 14.92
CA SER C 119 5.09 3.28 15.80
C SER C 119 4.36 4.43 16.50
N ASP C 120 5.09 5.43 16.98
CA ASP C 120 4.51 6.49 17.82
C ASP C 120 3.59 7.37 17.00
N ASN C 121 3.92 7.59 15.73
CA ASN C 121 3.21 8.58 14.95
C ASN C 121 2.16 8.04 14.00
N PHE C 122 2.00 6.73 13.97
CA PHE C 122 1.22 6.15 12.91
C PHE C 122 0.45 4.94 13.34
N SER D 8 12.51 17.32 2.82
CA SER D 8 12.74 16.79 4.20
C SER D 8 13.87 15.70 4.32
N THR D 9 14.91 15.78 3.44
CA THR D 9 15.91 14.66 3.27
C THR D 9 17.36 14.89 2.77
N GLY D 10 17.53 14.68 1.44
CA GLY D 10 18.80 14.24 0.76
C GLY D 10 19.44 13.15 1.60
N PHE D 11 19.29 11.84 1.22
CA PHE D 11 19.82 10.64 2.02
C PHE D 11 18.85 10.12 3.09
N LEU D 12 19.05 10.50 4.35
CA LEU D 12 18.12 10.17 5.43
C LEU D 12 17.35 11.42 5.89
N VAL D 13 16.31 11.20 6.67
CA VAL D 13 15.46 12.27 7.19
C VAL D 13 16.24 13.27 8.05
N LYS D 14 15.90 14.55 7.94
CA LYS D 14 16.54 15.59 8.76
C LYS D 14 15.93 15.61 10.17
N GLN D 15 16.74 15.99 11.17
CA GLN D 15 16.29 16.07 12.56
C GLN D 15 15.11 16.99 12.67
N ARG D 16 15.20 18.14 12.00
CA ARG D 16 14.11 19.10 12.00
C ARG D 16 12.79 18.52 11.46
N ALA D 17 12.85 17.68 10.42
CA ALA D 17 11.62 17.09 9.88
C ALA D 17 11.07 16.10 10.88
N PHE D 18 11.92 15.17 11.32
CA PHE D 18 11.62 14.23 12.38
C PHE D 18 10.86 14.89 13.52
N LEU D 19 11.47 15.93 14.08
CA LEU D 19 10.92 16.67 15.22
C LEU D 19 9.57 17.33 14.94
N LYS D 20 9.45 17.98 13.78
CA LYS D 20 8.18 18.61 13.36
C LYS D 20 7.07 17.57 13.36
N LEU D 21 7.42 16.34 13.00
CA LEU D 21 6.44 15.26 12.96
C LEU D 21 5.93 15.02 14.37
N TYR D 22 6.86 14.69 15.29
CA TYR D 22 6.50 14.31 16.65
C TYR D 22 5.65 15.39 17.29
N MET D 23 6.03 16.65 16.99
CA MET D 23 5.27 17.85 17.36
C MET D 23 3.79 17.87 16.88
N ILE D 24 3.56 17.39 15.66
CA ILE D 24 2.20 17.22 15.15
C ILE D 24 1.49 16.10 15.91
N THR D 25 2.12 14.93 16.03
CA THR D 25 1.46 13.82 16.70
C THR D 25 1.09 14.27 18.12
N MET D 26 2.04 14.94 18.79
CA MET D 26 1.81 15.39 20.17
C MET D 26 0.62 16.33 20.30
N THR D 27 0.43 17.16 19.27
CA THR D 27 -0.70 18.06 19.24
C THR D 27 -2.02 17.32 18.97
N GLU D 28 -1.98 16.30 18.10
CA GLU D 28 -3.16 15.46 17.85
C GLU D 28 -3.56 14.87 19.17
N GLN D 29 -2.54 14.41 19.90
CA GLN D 29 -2.70 13.76 21.21
C GLN D 29 -2.78 14.74 22.36
N GLU D 30 -2.83 16.02 22.04
CA GLU D 30 -3.14 17.09 22.99
C GLU D 30 -2.15 17.19 24.14
N ARG D 31 -0.91 16.83 23.88
CA ARG D 31 0.13 16.87 24.91
C ARG D 31 1.36 17.69 24.51
N LEU D 32 1.14 18.65 23.61
CA LEU D 32 2.15 19.63 23.23
C LEU D 32 1.74 20.94 23.87
N TYR D 33 2.43 21.33 24.93
CA TYR D 33 2.00 22.44 25.78
C TYR D 33 3.08 22.92 26.76
N GLY D 34 2.88 24.10 27.35
CA GLY D 34 3.78 24.64 28.37
C GLY D 34 5.10 25.16 27.85
N LEU D 35 5.98 25.51 28.79
CA LEU D 35 7.19 26.21 28.44
C LEU D 35 8.41 25.30 28.40
N LYS D 36 8.27 24.06 28.86
CA LYS D 36 9.44 23.19 29.05
C LYS D 36 9.74 22.42 27.76
N LEU D 37 9.09 22.83 26.67
CA LEU D 37 9.06 22.11 25.39
C LEU D 37 10.25 21.23 24.97
N LEU D 38 11.49 21.70 25.19
CA LEU D 38 12.70 20.92 24.88
C LEU D 38 12.88 19.77 25.88
N LYS D 39 12.77 20.05 27.18
CA LYS D 39 12.69 18.99 28.21
C LYS D 39 11.65 17.90 27.83
N VAL D 40 10.43 18.33 27.51
CA VAL D 40 9.36 17.46 27.04
C VAL D 40 9.84 16.53 25.92
N LEU D 41 10.37 17.13 24.86
CA LEU D 41 10.88 16.34 23.75
C LEU D 41 12.07 15.49 24.11
N GLN D 42 12.94 16.01 24.98
CA GLN D 42 14.18 15.31 25.32
C GLN D 42 13.82 14.11 26.12
N SER D 43 12.82 14.30 26.96
CA SER D 43 12.31 13.24 27.80
C SER D 43 11.81 12.08 26.93
N GLU D 44 11.18 12.42 25.79
CA GLU D 44 10.61 11.42 24.89
C GLU D 44 11.61 10.49 24.19
N PHE D 45 12.91 10.81 24.23
CA PHE D 45 13.91 9.99 23.55
C PHE D 45 15.06 9.59 24.45
N LYS D 46 14.93 9.97 25.71
CA LYS D 46 15.77 9.48 26.80
C LYS D 46 16.31 8.07 26.58
N GLU D 47 15.40 7.11 26.43
CA GLU D 47 15.72 5.68 26.47
C GLU D 47 16.49 5.16 25.24
N ILE D 48 16.32 5.83 24.09
CA ILE D 48 17.13 5.55 22.86
C ILE D 48 18.32 6.49 22.78
N GLY D 49 18.36 7.45 23.71
CA GLY D 49 19.48 8.40 23.82
C GLY D 49 19.68 9.31 22.61
N PHE D 50 18.65 9.47 21.78
CA PHE D 50 18.67 10.58 20.86
C PHE D 50 18.33 11.74 21.73
N LYS D 51 19.29 12.63 21.95
CA LYS D 51 19.02 13.81 22.74
C LYS D 51 18.76 14.99 21.80
N PRO D 52 17.49 15.40 21.62
CA PRO D 52 17.14 16.47 20.67
C PRO D 52 17.95 17.78 20.82
N ASN D 53 18.22 18.39 19.66
CA ASN D 53 19.06 19.57 19.57
C ASN D 53 18.30 20.88 19.79
N HIS D 54 18.76 21.67 20.76
CA HIS D 54 18.03 22.85 21.20
C HIS D 54 17.62 23.83 20.09
N THR D 55 18.47 23.97 19.07
CA THR D 55 18.16 24.84 17.94
C THR D 55 17.22 24.21 16.93
N GLU D 56 17.27 22.88 16.81
CA GLU D 56 16.35 22.20 15.92
C GLU D 56 14.95 22.06 16.54
N VAL D 57 14.86 21.94 17.86
CA VAL D 57 13.55 21.95 18.53
C VAL D 57 12.86 23.28 18.26
N TYR D 58 13.48 24.37 18.66
CA TYR D 58 12.83 25.66 18.48
C TYR D 58 12.66 26.04 17.00
N ARG D 59 13.60 25.63 16.17
CA ARG D 59 13.51 25.89 14.74
C ARG D 59 12.30 25.15 14.14
N SER D 60 12.10 23.89 14.53
CA SER D 60 10.92 23.14 14.12
C SER D 60 9.63 23.84 14.54
N LEU D 61 9.46 24.05 15.85
CA LEU D 61 8.26 24.66 16.38
C LEU D 61 7.88 25.96 15.69
N HIS D 62 8.85 26.85 15.50
CA HIS D 62 8.57 28.17 14.94
C HIS D 62 8.30 28.13 13.46
N GLU D 63 8.83 27.13 12.80
CA GLU D 63 8.45 26.87 11.41
C GLU D 63 7.00 26.43 11.37
N LEU D 64 6.63 25.51 12.26
CA LEU D 64 5.28 24.98 12.34
C LEU D 64 4.29 26.08 12.67
N LEU D 65 4.79 27.09 13.37
CA LEU D 65 3.96 28.22 13.74
C LEU D 65 3.83 29.15 12.56
N ASP D 66 4.96 29.54 11.99
CA ASP D 66 4.98 30.51 10.90
C ASP D 66 4.27 29.97 9.69
N ASP D 67 4.59 28.72 9.37
CA ASP D 67 3.98 28.06 8.24
C ASP D 67 2.46 28.05 8.40
N GLY D 68 1.97 28.05 9.63
CA GLY D 68 0.55 28.24 9.89
C GLY D 68 -0.16 26.97 10.28
N ILE D 69 0.62 25.89 10.41
CA ILE D 69 0.10 24.58 10.83
C ILE D 69 -0.30 24.58 12.32
N LEU D 70 0.44 25.33 13.12
CA LEU D 70 0.13 25.40 14.54
C LEU D 70 -0.14 26.81 15.05
N LYS D 71 -0.89 26.86 16.14
CA LYS D 71 -1.20 28.07 16.84
C LYS D 71 -1.05 27.74 18.33
N GLN D 72 -0.92 28.77 19.15
CA GLN D 72 -0.91 28.57 20.59
C GLN D 72 -2.08 29.27 21.23
N ILE D 73 -2.52 28.77 22.37
CA ILE D 73 -3.49 29.48 23.22
C ILE D 73 -3.13 29.34 24.69
N LYS D 74 -3.69 30.22 25.51
CA LYS D 74 -3.49 30.17 26.96
C LYS D 74 -4.78 29.68 27.59
N VAL D 75 -4.71 28.57 28.30
CA VAL D 75 -5.91 27.87 28.77
C VAL D 75 -5.80 27.60 30.29
N LYS D 76 -6.93 27.57 31.00
CA LYS D 76 -6.91 27.47 32.48
C LYS D 76 -6.66 26.02 32.94
N GLN D 83 -3.53 28.69 37.18
CA GLN D 83 -4.49 28.36 36.11
C GLN D 83 -3.87 28.47 34.71
N GLU D 84 -2.81 29.26 34.61
CA GLU D 84 -2.23 29.60 33.31
C GLU D 84 -1.27 28.58 32.70
N VAL D 85 -1.67 27.98 31.58
CA VAL D 85 -0.75 27.16 30.80
C VAL D 85 -0.88 27.42 29.29
N VAL D 86 0.26 27.43 28.59
CA VAL D 86 0.29 27.59 27.13
C VAL D 86 0.04 26.25 26.48
N LEU D 87 -0.88 26.21 25.53
CA LEU D 87 -1.23 24.97 24.82
C LEU D 87 -1.16 25.14 23.30
N TYR D 88 -0.50 24.18 22.65
CA TYR D 88 -0.44 24.14 21.19
C TYR D 88 -1.65 23.43 20.58
N GLN D 89 -2.12 24.01 19.49
CA GLN D 89 -3.34 23.59 18.85
C GLN D 89 -3.17 23.70 17.35
N PHE D 90 -3.98 22.96 16.60
CA PHE D 90 -3.91 23.03 15.15
C PHE D 90 -4.59 24.27 14.63
N LYS D 91 -3.91 24.98 13.75
CA LYS D 91 -4.56 26.00 12.95
C LYS D 91 -5.10 25.30 11.70
N ASP D 92 -4.19 24.79 10.89
CA ASP D 92 -4.57 24.07 9.70
C ASP D 92 -4.25 22.64 9.98
N TYR D 93 -5.26 21.82 10.24
CA TYR D 93 -4.96 20.42 10.51
C TYR D 93 -4.64 19.67 9.23
N GLU D 94 -5.43 19.91 8.18
CA GLU D 94 -5.24 19.23 6.89
C GLU D 94 -3.76 19.27 6.43
N ALA D 95 -3.14 20.44 6.59
CA ALA D 95 -1.73 20.62 6.25
C ALA D 95 -0.79 19.71 7.10
N ALA D 96 -1.04 19.64 8.40
CA ALA D 96 -0.27 18.77 9.24
C ALA D 96 -0.47 17.35 8.77
N LYS D 97 -1.69 16.97 8.40
CA LYS D 97 -1.95 15.59 7.96
C LYS D 97 -1.11 15.21 6.75
N LEU D 98 -1.17 16.04 5.71
CA LEU D 98 -0.34 15.88 4.52
C LEU D 98 1.13 15.66 4.83
N TYR D 99 1.61 16.36 5.85
CA TYR D 99 3.02 16.40 6.17
C TYR D 99 3.43 15.09 6.83
N LYS D 100 2.51 14.52 7.60
CA LYS D 100 2.67 13.17 8.15
C LYS D 100 2.78 12.19 7.00
N LYS D 101 1.85 12.26 6.04
CA LYS D 101 1.89 11.45 4.83
C LYS D 101 3.30 11.44 4.18
N GLN D 102 3.80 12.63 3.85
CA GLN D 102 5.17 12.78 3.39
C GLN D 102 6.18 12.12 4.32
N LEU D 103 6.16 12.45 5.60
CA LEU D 103 7.14 11.88 6.51
C LEU D 103 6.98 10.39 6.64
N LYS D 104 5.76 9.90 6.42
CA LYS D 104 5.45 8.46 6.46
C LYS D 104 6.32 7.66 5.48
N VAL D 105 6.22 7.98 4.19
CA VAL D 105 7.08 7.41 3.15
C VAL D 105 8.56 7.63 3.47
N GLU D 106 8.86 8.85 3.91
CA GLU D 106 10.21 9.23 4.25
C GLU D 106 10.83 8.27 5.24
N LEU D 107 10.10 7.94 6.30
CA LEU D 107 10.63 7.05 7.32
C LEU D 107 10.71 5.63 6.80
N ASP D 108 9.71 5.21 6.03
CA ASP D 108 9.72 3.88 5.43
C ASP D 108 11.04 3.69 4.70
N ARG D 109 11.44 4.71 3.93
CA ARG D 109 12.62 4.61 3.11
C ARG D 109 13.79 4.38 4.03
N CYS D 110 14.07 5.36 4.86
CA CYS D 110 15.11 5.23 5.88
C CYS D 110 15.20 3.85 6.52
N LYS D 111 14.05 3.34 6.98
CA LYS D 111 13.96 1.99 7.53
C LYS D 111 14.56 0.99 6.55
N LYS D 112 13.97 0.88 5.36
CA LYS D 112 14.47 -0.04 4.32
C LYS D 112 15.97 0.12 4.10
N LEU D 113 16.46 1.36 4.22
CA LEU D 113 17.84 1.70 3.96
C LEU D 113 18.76 1.18 5.05
N ILE D 114 18.43 1.46 6.30
CA ILE D 114 19.18 0.86 7.40
C ILE D 114 19.20 -0.67 7.29
N GLU D 115 18.02 -1.27 7.12
CA GLU D 115 17.89 -2.73 6.99
C GLU D 115 18.87 -3.23 5.95
N LYS D 116 18.88 -2.59 4.77
CA LYS D 116 19.79 -2.93 3.69
C LYS D 116 21.20 -2.90 4.19
N ALA D 117 21.55 -1.80 4.85
CA ALA D 117 22.88 -1.63 5.35
C ALA D 117 23.21 -2.70 6.37
N LEU D 118 22.23 -3.11 7.18
CA LEU D 118 22.44 -4.19 8.13
C LEU D 118 22.62 -5.57 7.46
N SER D 119 21.82 -5.91 6.45
CA SER D 119 22.00 -7.21 5.76
C SER D 119 23.36 -7.25 5.13
N ASP D 120 23.73 -6.15 4.48
CA ASP D 120 24.87 -6.12 3.56
C ASP D 120 26.24 -6.13 4.23
N ASN D 121 26.35 -5.88 5.53
CA ASN D 121 27.67 -5.65 6.09
C ASN D 121 28.10 -6.52 7.27
N PHE D 122 27.14 -7.22 7.86
CA PHE D 122 27.45 -8.18 8.92
C PHE D 122 26.52 -9.36 8.79
#